data_5AY6
#
_entry.id   5AY6
#
_cell.length_a   55.117
_cell.length_b   61.580
_cell.length_c   103.347
_cell.angle_alpha   90.00
_cell.angle_beta   91.92
_cell.angle_gamma   90.00
#
_symmetry.space_group_name_H-M   'P 1 21 1'
#
loop_
_entity.id
_entity.type
_entity.pdbx_description
1 polymer 'Flagellar hook protein FlgE'
2 water water
#
_entity_poly.entity_id   1
_entity_poly.type   'polypeptide(L)'
_entity_poly.pdbx_seq_one_letter_code
;AEKTTRVGVNANLRSEQPVAAAVSYKVGTAGSPSKTNVVDSATNSHNYDVVYSSTGIANPVSGNNEYLVDIKENGVIVAT
GKVAYDAATNELVSSTIDYKGASPVTGSMTTTRINAAGTTVNLADLGIVNASGADDAEVVAGKLYDPSTWSMSDYAKDNS
KGVKPDFEVQIPLSDSKGGQRTVTLSMLKGPGPNQWYAELRAKPGDLANNGNGQISTGIIEFTTDGKLKNTGSLFGTTSP
TAITIKSSGYIAPTVTPPAVQPPTPPTWADALGIDEQEVQIDLASAAGGLTQYNSQSVVQSVNTNG
;
_entity_poly.pdbx_strand_id   A,B
#
# COMPACT_ATOMS: atom_id res chain seq x y z
N LYS A 3 37.41 -22.89 26.11
CA LYS A 3 36.17 -22.49 25.45
C LYS A 3 35.71 -21.14 25.98
N THR A 4 35.55 -20.18 25.08
CA THR A 4 35.23 -18.81 25.47
C THR A 4 33.80 -18.65 25.96
N THR A 5 33.65 -18.04 27.13
CA THR A 5 32.34 -17.85 27.73
C THR A 5 32.02 -16.38 28.00
N ARG A 6 33.04 -15.53 27.99
CA ARG A 6 32.81 -14.11 28.26
C ARG A 6 33.85 -13.25 27.58
N VAL A 7 33.39 -12.22 26.88
CA VAL A 7 34.28 -11.27 26.23
C VAL A 7 33.94 -9.85 26.64
N GLY A 8 34.97 -9.03 26.83
CA GLY A 8 34.79 -7.63 27.14
C GLY A 8 35.33 -6.81 25.99
N VAL A 9 34.49 -5.95 25.43
CA VAL A 9 34.92 -5.10 24.34
C VAL A 9 35.35 -3.75 24.86
N ASN A 10 36.59 -3.39 24.59
CA ASN A 10 37.10 -2.07 24.93
C ASN A 10 37.48 -1.31 23.67
N ALA A 11 36.61 -0.40 23.25
CA ALA A 11 36.81 0.30 21.99
C ALA A 11 36.05 1.61 21.95
N ASN A 12 36.52 2.53 21.11
CA ASN A 12 35.80 3.77 20.90
C ASN A 12 35.32 3.91 19.48
N LEU A 13 34.10 4.42 19.32
CA LEU A 13 33.57 4.77 18.01
C LEU A 13 33.57 6.29 17.88
N ARG A 14 34.21 6.82 16.85
CA ARG A 14 34.28 8.27 16.71
C ARG A 14 32.90 8.88 16.56
N SER A 15 32.54 9.77 17.49
CA SER A 15 31.18 10.32 17.50
C SER A 15 30.89 11.17 16.26
N GLU A 16 31.93 11.77 15.68
CA GLU A 16 31.76 12.62 14.50
C GLU A 16 31.85 11.85 13.18
N GLN A 17 32.00 10.53 13.25
CA GLN A 17 31.98 9.69 12.05
C GLN A 17 30.78 10.05 11.20
N PRO A 18 31.03 10.52 9.97
CA PRO A 18 29.92 10.92 9.10
C PRO A 18 29.17 9.71 8.55
N VAL A 19 27.87 9.89 8.34
CA VAL A 19 27.00 8.83 7.85
C VAL A 19 27.35 8.46 6.40
N ALA A 20 27.44 7.17 6.11
CA ALA A 20 27.73 6.71 4.76
C ALA A 20 26.55 6.97 3.82
N ALA A 21 26.86 7.19 2.55
CA ALA A 21 25.84 7.38 1.52
C ALA A 21 24.89 6.18 1.43
N ALA A 22 25.37 5.00 1.81
CA ALA A 22 24.52 3.81 1.82
C ALA A 22 23.56 3.79 3.00
N VAL A 23 23.75 4.68 3.97
CA VAL A 23 22.84 4.78 5.10
C VAL A 23 21.94 6.02 4.96
N SER A 24 22.54 7.14 4.57
CA SER A 24 21.79 8.35 4.28
C SER A 24 22.11 8.84 2.88
N TYR A 25 21.17 8.64 1.97
CA TYR A 25 21.42 8.87 0.56
C TYR A 25 20.80 10.16 0.05
N LYS A 26 21.64 11.11 -0.34
CA LYS A 26 21.16 12.35 -0.94
C LYS A 26 20.91 12.16 -2.42
N VAL A 27 19.68 12.41 -2.84
CA VAL A 27 19.27 12.27 -4.24
C VAL A 27 20.00 13.25 -5.14
N GLY A 28 20.46 12.78 -6.28
CA GLY A 28 20.97 13.66 -7.30
C GLY A 28 22.48 13.64 -7.41
N THR A 29 23.01 14.50 -8.28
CA THR A 29 24.44 14.55 -8.53
C THR A 29 25.13 15.50 -7.55
N ALA A 30 26.40 15.20 -7.23
CA ALA A 30 27.17 16.03 -6.32
C ALA A 30 27.36 17.44 -6.84
N GLY A 31 27.17 18.43 -5.97
CA GLY A 31 27.40 19.82 -6.34
C GLY A 31 26.17 20.58 -6.78
N SER A 32 25.03 19.91 -6.80
CA SER A 32 23.77 20.55 -7.17
C SER A 32 22.63 20.02 -6.29
N PRO A 33 21.61 20.84 -6.05
CA PRO A 33 20.49 20.40 -5.22
C PRO A 33 19.76 19.19 -5.82
N SER A 34 19.18 18.36 -4.96
CA SER A 34 18.36 17.23 -5.40
C SER A 34 17.28 17.69 -6.37
N LYS A 35 16.51 18.68 -5.94
CA LYS A 35 15.38 19.18 -6.74
C LYS A 35 15.48 20.70 -6.86
N THR A 36 15.11 21.21 -8.04
CA THR A 36 15.23 22.65 -8.30
C THR A 36 13.88 23.27 -8.65
N ASN A 37 13.71 24.52 -8.24
CA ASN A 37 12.50 25.31 -8.52
C ASN A 37 11.21 24.61 -8.09
N VAL A 38 11.20 24.11 -6.86
CA VAL A 38 9.99 23.55 -6.28
C VAL A 38 9.12 24.69 -5.75
N VAL A 39 7.95 24.87 -6.36
CA VAL A 39 7.04 25.93 -5.96
C VAL A 39 6.12 25.47 -4.84
N ASP A 40 6.04 26.24 -3.75
CA ASP A 40 5.18 25.89 -2.63
C ASP A 40 3.80 26.51 -2.81
N SER A 41 2.89 26.20 -1.90
CA SER A 41 1.50 26.64 -2.01
C SER A 41 1.36 28.16 -1.89
N ALA A 42 2.44 28.83 -1.48
CA ALA A 42 2.45 30.29 -1.39
C ALA A 42 3.17 30.91 -2.58
N THR A 43 3.31 30.12 -3.66
CA THR A 43 3.95 30.52 -4.91
C THR A 43 5.45 30.82 -4.81
N ASN A 44 6.05 30.47 -3.68
CA ASN A 44 7.49 30.67 -3.51
C ASN A 44 8.27 29.45 -4.00
N SER A 45 9.37 29.69 -4.71
CA SER A 45 10.17 28.60 -5.26
C SER A 45 11.38 28.27 -4.37
N HIS A 46 11.75 27.00 -4.34
CA HIS A 46 12.88 26.57 -3.53
C HIS A 46 13.78 25.59 -4.28
N ASN A 47 15.02 25.47 -3.82
CA ASN A 47 15.87 24.34 -4.17
C ASN A 47 16.02 23.48 -2.92
N TYR A 48 15.75 22.19 -3.07
CA TYR A 48 15.78 21.28 -1.92
C TYR A 48 16.76 20.14 -2.10
N ASP A 49 17.34 19.70 -0.99
CA ASP A 49 18.04 18.42 -0.96
C ASP A 49 17.09 17.39 -0.37
N VAL A 50 17.05 16.21 -0.97
CA VAL A 50 16.22 15.14 -0.45
C VAL A 50 17.12 13.98 0.00
N VAL A 51 17.00 13.62 1.26
CA VAL A 51 17.84 12.57 1.82
C VAL A 51 16.98 11.43 2.35
N TYR A 52 17.08 10.27 1.69
CA TYR A 52 16.48 9.04 2.20
C TYR A 52 17.47 8.36 3.13
N SER A 53 17.00 7.91 4.29
CA SER A 53 17.85 7.18 5.21
C SER A 53 17.28 5.81 5.56
N SER A 54 18.15 4.83 5.73
CA SER A 54 17.76 3.51 6.19
C SER A 54 17.29 3.56 7.65
N THR A 55 16.22 2.84 7.94
CA THR A 55 15.67 2.77 9.29
C THR A 55 16.50 1.88 10.20
N GLY A 56 17.36 1.06 9.61
CA GLY A 56 18.14 0.10 10.39
C GLY A 56 17.27 -1.07 10.86
N ILE A 57 16.05 -1.14 10.33
CA ILE A 57 15.10 -2.18 10.67
C ILE A 57 14.68 -2.89 9.40
N ALA A 58 14.70 -4.22 9.43
CA ALA A 58 14.47 -5.04 8.24
C ALA A 58 13.16 -4.71 7.52
N ASN A 59 13.27 -4.41 6.22
CA ASN A 59 12.12 -4.31 5.34
C ASN A 59 11.83 -5.68 4.73
N PRO A 60 10.55 -5.96 4.42
CA PRO A 60 9.41 -5.05 4.58
C PRO A 60 8.87 -5.06 6.01
N VAL A 61 8.15 -4.00 6.36
CA VAL A 61 7.48 -3.92 7.63
C VAL A 61 5.98 -3.87 7.39
N SER A 62 5.28 -4.93 7.80
CA SER A 62 3.84 -5.03 7.59
C SER A 62 3.48 -4.74 6.14
N GLY A 63 4.16 -5.42 5.22
CA GLY A 63 3.86 -5.31 3.81
C GLY A 63 4.48 -4.13 3.07
N ASN A 64 5.20 -3.27 3.80
CA ASN A 64 5.82 -2.09 3.19
C ASN A 64 7.32 -1.96 3.41
N ASN A 65 8.00 -1.36 2.43
CA ASN A 65 9.37 -0.90 2.59
C ASN A 65 9.39 0.49 3.18
N GLU A 66 9.93 0.63 4.40
CA GLU A 66 9.95 1.93 5.07
C GLU A 66 11.32 2.59 5.01
N TYR A 67 11.30 3.92 4.82
CA TYR A 67 12.53 4.70 4.78
C TYR A 67 12.34 6.02 5.53
N LEU A 68 13.43 6.56 6.08
CA LEU A 68 13.38 7.89 6.68
C LEU A 68 13.65 8.92 5.59
N VAL A 69 13.03 10.09 5.71
CA VAL A 69 13.23 11.17 4.75
C VAL A 69 13.50 12.51 5.42
N ASP A 70 14.54 13.19 4.96
CA ASP A 70 14.79 14.58 5.35
C ASP A 70 14.70 15.49 4.13
N ILE A 71 14.00 16.60 4.26
CA ILE A 71 13.99 17.62 3.21
C ILE A 71 14.80 18.83 3.70
N LYS A 72 15.83 19.19 2.95
CA LYS A 72 16.74 20.23 3.40
C LYS A 72 16.78 21.42 2.44
N GLU A 73 16.91 22.60 3.01
CA GLU A 73 17.08 23.83 2.24
C GLU A 73 18.26 24.60 2.80
N ASN A 74 19.28 24.81 1.96
CA ASN A 74 20.54 25.42 2.39
C ASN A 74 21.13 24.70 3.61
N GLY A 75 21.03 23.38 3.61
CA GLY A 75 21.59 22.57 4.68
C GLY A 75 20.78 22.55 5.96
N VAL A 76 19.57 23.11 5.91
CA VAL A 76 18.69 23.12 7.06
C VAL A 76 17.44 22.26 6.82
N ILE A 77 17.15 21.36 7.74
CA ILE A 77 15.99 20.49 7.62
C ILE A 77 14.70 21.28 7.80
N VAL A 78 13.88 21.37 6.75
CA VAL A 78 12.61 22.07 6.85
C VAL A 78 11.45 21.09 7.04
N ALA A 79 11.66 19.82 6.69
CA ALA A 79 10.63 18.81 6.81
C ALA A 79 11.25 17.42 6.94
N THR A 80 10.59 16.54 7.67
CA THR A 80 11.15 15.22 7.92
C THR A 80 10.06 14.21 8.31
N GLY A 81 10.35 12.93 8.13
CA GLY A 81 9.44 11.89 8.54
C GLY A 81 9.77 10.52 7.97
N LYS A 82 8.77 9.65 7.93
CA LYS A 82 8.95 8.31 7.37
C LYS A 82 7.98 8.09 6.23
N VAL A 83 8.45 7.44 5.17
CA VAL A 83 7.60 7.01 4.07
C VAL A 83 7.54 5.50 4.02
N ALA A 84 6.44 4.97 3.51
CA ALA A 84 6.27 3.54 3.38
C ALA A 84 5.76 3.23 1.98
N TYR A 85 6.49 2.40 1.25
CA TYR A 85 6.07 2.00 -0.09
C TYR A 85 5.62 0.55 -0.10
N ASP A 86 4.60 0.24 -0.89
CA ASP A 86 4.12 -1.12 -1.03
C ASP A 86 5.25 -1.99 -1.58
N ALA A 87 5.51 -3.11 -0.91
CA ALA A 87 6.66 -3.94 -1.26
C ALA A 87 6.47 -4.67 -2.59
N ALA A 88 5.21 -4.82 -3.01
CA ALA A 88 4.92 -5.51 -4.25
C ALA A 88 4.71 -4.54 -5.40
N THR A 89 3.99 -3.46 -5.14
CA THR A 89 3.55 -2.55 -6.21
C THR A 89 4.39 -1.27 -6.31
N ASN A 90 5.21 -1.01 -5.30
CA ASN A 90 6.12 0.14 -5.24
C ASN A 90 5.43 1.51 -5.12
N GLU A 91 4.13 1.49 -4.87
CA GLU A 91 3.37 2.73 -4.66
C GLU A 91 3.57 3.27 -3.25
N LEU A 92 3.50 4.60 -3.09
CA LEU A 92 3.50 5.19 -1.77
C LEU A 92 2.23 4.79 -1.03
N VAL A 93 2.39 4.33 0.21
CA VAL A 93 1.26 3.86 1.00
C VAL A 93 0.97 4.81 2.16
N SER A 94 2.02 5.37 2.74
CA SER A 94 1.84 6.33 3.83
C SER A 94 3.05 7.23 3.99
N SER A 95 2.81 8.45 4.47
CA SER A 95 3.86 9.43 4.73
C SER A 95 3.60 10.16 6.05
N THR A 96 4.64 10.30 6.86
CA THR A 96 4.55 11.13 8.07
C THR A 96 5.42 12.37 7.93
N ILE A 97 5.84 12.67 6.71
CA ILE A 97 6.66 13.86 6.47
C ILE A 97 5.87 15.11 6.81
N ASP A 98 6.45 15.94 7.66
CA ASP A 98 5.81 17.17 8.13
C ASP A 98 6.93 18.16 8.44
N TYR A 99 6.59 19.42 8.67
CA TYR A 99 7.62 20.42 8.94
C TYR A 99 8.36 20.05 10.23
N LYS A 100 9.64 20.41 10.31
CA LYS A 100 10.45 20.03 11.48
C LYS A 100 9.93 20.63 12.78
N GLY A 101 9.61 19.76 13.74
CA GLY A 101 9.16 20.18 15.05
C GLY A 101 7.65 20.14 15.18
N ALA A 102 6.98 19.72 14.10
CA ALA A 102 5.53 19.72 14.04
C ALA A 102 4.93 18.78 15.07
N SER A 103 3.79 19.19 15.64
CA SER A 103 3.07 18.35 16.60
C SER A 103 1.64 18.83 16.82
N PRO A 104 0.66 17.94 16.60
CA PRO A 104 0.93 16.55 16.19
C PRO A 104 1.34 16.41 14.72
N VAL A 105 2.18 15.41 14.45
CA VAL A 105 2.63 15.13 13.09
C VAL A 105 1.45 14.84 12.16
N THR A 106 1.35 15.57 11.06
CA THR A 106 0.22 15.44 10.15
C THR A 106 0.72 15.19 8.72
N GLY A 107 0.86 13.91 8.38
CA GLY A 107 1.35 13.52 7.07
C GLY A 107 0.30 13.66 6.00
N SER A 108 0.71 13.44 4.75
CA SER A 108 -0.18 13.53 3.60
C SER A 108 0.33 12.63 2.48
N MET A 109 -0.61 12.07 1.70
CA MET A 109 -0.23 11.25 0.55
C MET A 109 0.32 12.09 -0.60
N THR A 110 0.04 13.39 -0.59
CA THR A 110 0.40 14.24 -1.73
C THR A 110 1.35 15.40 -1.38
N THR A 111 1.35 15.83 -0.13
CA THR A 111 2.15 16.98 0.28
C THR A 111 2.92 16.80 1.59
N THR A 112 3.81 17.75 1.86
CA THR A 112 4.30 17.96 3.22
C THR A 112 4.25 19.44 3.54
N ARG A 113 3.98 19.78 4.79
CA ARG A 113 4.12 21.16 5.24
C ARG A 113 5.61 21.49 5.28
N ILE A 114 5.96 22.75 5.04
CA ILE A 114 7.36 23.17 5.15
C ILE A 114 7.53 24.25 6.22
N ASN A 115 6.41 24.70 6.80
CA ASN A 115 6.46 25.58 7.96
C ASN A 115 5.18 25.45 8.80
N ALA A 116 5.20 26.02 10.01
CA ALA A 116 4.07 25.90 10.92
C ALA A 116 2.85 26.66 10.41
N ALA A 117 3.10 27.63 9.54
CA ALA A 117 2.02 28.42 8.95
C ALA A 117 1.16 27.55 8.03
N GLY A 118 1.73 26.44 7.56
CA GLY A 118 0.96 25.48 6.79
C GLY A 118 1.21 25.48 5.30
N THR A 119 2.24 26.20 4.87
CA THR A 119 2.66 26.18 3.48
C THR A 119 3.15 24.78 3.12
N THR A 120 2.78 24.30 1.94
CA THR A 120 3.13 22.94 1.54
C THR A 120 3.90 22.90 0.23
N VAL A 121 4.58 21.78 -0.01
CA VAL A 121 5.10 21.45 -1.33
C VAL A 121 4.58 20.07 -1.71
N ASN A 122 4.60 19.79 -3.01
CA ASN A 122 4.14 18.50 -3.49
C ASN A 122 5.22 17.42 -3.38
N LEU A 123 4.86 16.29 -2.79
CA LEU A 123 5.77 15.16 -2.66
C LEU A 123 6.33 14.73 -4.02
N ALA A 124 5.51 14.87 -5.07
CA ALA A 124 5.93 14.51 -6.42
C ALA A 124 7.08 15.40 -6.91
N ASP A 125 7.08 16.66 -6.50
CA ASP A 125 8.15 17.57 -6.88
C ASP A 125 9.44 17.26 -6.11
N LEU A 126 9.29 16.50 -5.04
CA LEU A 126 10.44 16.07 -4.24
C LEU A 126 10.93 14.68 -4.66
N GLY A 127 10.19 14.04 -5.57
CA GLY A 127 10.57 12.72 -6.06
C GLY A 127 10.16 11.59 -5.13
N ILE A 128 9.47 11.93 -4.05
CA ILE A 128 9.01 10.94 -3.08
C ILE A 128 7.84 10.17 -3.70
N VAL A 129 7.12 10.85 -4.59
CA VAL A 129 6.08 10.23 -5.40
C VAL A 129 6.51 10.40 -6.85
N ASN A 130 6.20 9.41 -7.70
CA ASN A 130 6.64 9.45 -9.09
C ASN A 130 5.45 9.43 -10.05
N ALA A 131 5.36 10.44 -10.91
CA ALA A 131 4.26 10.56 -11.84
C ALA A 131 4.50 9.71 -13.09
N SER A 132 5.76 9.41 -13.36
CA SER A 132 6.12 8.69 -14.58
C SER A 132 6.78 7.34 -14.28
N GLY A 133 6.36 6.70 -13.20
CA GLY A 133 6.94 5.44 -12.79
C GLY A 133 6.67 5.03 -11.36
N ALA A 134 7.50 4.13 -10.83
CA ALA A 134 7.34 3.66 -9.46
C ALA A 134 7.68 4.77 -8.48
N ASP A 135 6.82 4.96 -7.48
CA ASP A 135 7.04 6.01 -6.49
C ASP A 135 8.40 5.85 -5.79
N ASP A 136 8.83 4.61 -5.58
CA ASP A 136 10.03 4.35 -4.80
C ASP A 136 11.29 4.30 -5.67
N ALA A 137 11.19 4.74 -6.91
CA ALA A 137 12.32 4.66 -7.83
C ALA A 137 13.56 5.40 -7.33
N GLU A 138 13.37 6.59 -6.78
CA GLU A 138 14.54 7.40 -6.42
C GLU A 138 15.22 6.88 -5.16
N VAL A 139 14.45 6.35 -4.22
CA VAL A 139 15.04 5.77 -3.01
C VAL A 139 15.65 4.40 -3.33
N VAL A 140 15.01 3.65 -4.23
CA VAL A 140 15.53 2.34 -4.63
C VAL A 140 16.89 2.51 -5.31
N ALA A 141 17.07 3.62 -6.01
CA ALA A 141 18.33 3.91 -6.69
C ALA A 141 19.49 4.07 -5.69
N GLY A 142 19.16 4.43 -4.46
CA GLY A 142 20.16 4.64 -3.43
C GLY A 142 20.75 3.38 -2.85
N LYS A 143 20.09 2.24 -3.11
CA LYS A 143 20.51 0.94 -2.59
C LYS A 143 20.86 1.00 -1.11
N LEU A 144 19.88 1.37 -0.29
CA LEU A 144 20.12 1.63 1.13
C LEU A 144 20.37 0.38 1.96
N TYR A 145 21.10 0.57 3.05
CA TYR A 145 21.34 -0.46 4.04
C TYR A 145 20.06 -1.12 4.54
N ASP A 146 20.11 -2.43 4.65
CA ASP A 146 19.04 -3.20 5.27
C ASP A 146 19.65 -4.36 6.05
N PRO A 147 19.34 -4.46 7.35
CA PRO A 147 19.96 -5.47 8.21
C PRO A 147 19.65 -6.90 7.75
N SER A 148 18.62 -7.06 6.92
CA SER A 148 18.21 -8.37 6.44
C SER A 148 18.63 -8.66 4.99
N THR A 149 18.41 -7.70 4.09
CA THR A 149 18.59 -7.97 2.66
C THR A 149 19.76 -7.24 2.02
N TRP A 150 20.37 -6.31 2.74
CA TRP A 150 21.48 -5.55 2.20
C TRP A 150 22.37 -5.08 3.35
N SER A 151 23.03 -6.05 3.98
CA SER A 151 23.64 -5.80 5.29
C SER A 151 25.16 -5.85 5.27
N MET A 152 25.77 -5.65 6.43
CA MET A 152 27.21 -5.76 6.54
C MET A 152 27.63 -7.23 6.49
N SER A 153 26.75 -8.13 6.90
CA SER A 153 27.04 -9.56 6.78
C SER A 153 27.00 -9.97 5.31
N ASP A 154 26.11 -9.35 4.53
CA ASP A 154 26.07 -9.62 3.09
C ASP A 154 27.39 -9.18 2.46
N TYR A 155 27.91 -8.06 2.94
CA TYR A 155 29.15 -7.50 2.43
C TYR A 155 30.35 -8.41 2.74
N ALA A 156 30.38 -8.95 3.95
CA ALA A 156 31.45 -9.86 4.35
C ALA A 156 31.47 -11.09 3.46
N LYS A 157 30.30 -11.55 3.05
CA LYS A 157 30.22 -12.71 2.17
C LYS A 157 30.61 -12.35 0.74
N ASP A 158 30.10 -11.22 0.25
CA ASP A 158 30.41 -10.74 -1.10
C ASP A 158 30.60 -9.23 -1.04
N ASN A 159 31.84 -8.77 -1.26
CA ASN A 159 32.18 -7.36 -1.13
C ASN A 159 31.49 -6.43 -2.13
N SER A 160 30.82 -7.02 -3.12
CA SER A 160 30.05 -6.24 -4.06
C SER A 160 28.59 -6.10 -3.60
N LYS A 161 28.24 -6.83 -2.55
CA LYS A 161 26.88 -6.79 -2.01
C LYS A 161 26.84 -6.04 -0.68
N GLY A 162 25.64 -5.63 -0.28
CA GLY A 162 25.44 -5.05 1.04
C GLY A 162 26.20 -3.75 1.26
N VAL A 163 26.62 -3.54 2.50
CA VAL A 163 27.26 -2.29 2.90
C VAL A 163 28.52 -2.53 3.71
N LYS A 164 29.61 -1.88 3.33
CA LYS A 164 30.87 -1.94 4.07
C LYS A 164 30.74 -1.17 5.38
N PRO A 165 31.09 -1.82 6.51
CA PRO A 165 30.95 -1.19 7.83
C PRO A 165 31.82 0.06 7.99
N ASP A 166 31.43 0.95 8.91
CA ASP A 166 32.28 2.08 9.29
C ASP A 166 33.35 1.64 10.27
N PHE A 167 33.04 0.62 11.06
CA PHE A 167 34.00 0.10 12.00
C PHE A 167 33.65 -1.32 12.42
N GLU A 168 34.68 -2.10 12.75
CA GLU A 168 34.48 -3.47 13.18
C GLU A 168 35.35 -3.80 14.39
N VAL A 169 34.81 -4.64 15.27
CA VAL A 169 35.57 -5.22 16.35
C VAL A 169 35.58 -6.74 16.20
N GLN A 170 36.76 -7.32 16.00
CA GLN A 170 36.84 -8.77 15.87
C GLN A 170 36.93 -9.43 17.24
N ILE A 171 36.14 -10.49 17.41
CA ILE A 171 36.07 -11.20 18.68
C ILE A 171 36.38 -12.68 18.47
N PRO A 172 37.64 -13.06 18.72
CA PRO A 172 38.05 -14.47 18.59
C PRO A 172 37.50 -15.35 19.70
N LEU A 173 36.79 -16.42 19.32
CA LEU A 173 36.29 -17.39 20.27
C LEU A 173 37.05 -18.70 20.15
N SER A 174 37.36 -19.32 21.29
CA SER A 174 37.82 -20.70 21.29
C SER A 174 36.62 -21.62 21.44
N ASP A 175 36.47 -22.57 20.53
CA ASP A 175 35.29 -23.43 20.58
C ASP A 175 35.56 -24.64 21.48
N SER A 176 34.64 -25.59 21.47
CA SER A 176 34.75 -26.76 22.34
C SER A 176 35.87 -27.71 21.93
N LYS A 177 36.48 -27.46 20.77
CA LYS A 177 37.61 -28.27 20.31
C LYS A 177 38.92 -27.50 20.41
N GLY A 178 38.83 -26.23 20.80
CA GLY A 178 40.01 -25.40 20.92
C GLY A 178 40.35 -24.66 19.64
N GLY A 179 39.51 -24.82 18.62
CA GLY A 179 39.67 -24.08 17.37
C GLY A 179 39.25 -22.65 17.57
N GLN A 180 39.58 -21.78 16.61
CA GLN A 180 39.24 -20.37 16.74
C GLN A 180 38.14 -19.97 15.76
N ARG A 181 36.99 -19.59 16.33
CA ARG A 181 35.90 -19.01 15.57
C ARG A 181 35.91 -17.50 15.70
N THR A 182 35.93 -16.79 14.59
CA THR A 182 35.93 -15.34 14.68
C THR A 182 34.51 -14.80 14.58
N VAL A 183 34.10 -14.10 15.63
CA VAL A 183 32.84 -13.39 15.64
C VAL A 183 33.17 -11.91 15.49
N THR A 184 32.41 -11.20 14.67
CA THR A 184 32.71 -9.80 14.42
C THR A 184 31.53 -8.92 14.80
N LEU A 185 31.82 -7.80 15.43
CA LEU A 185 30.83 -6.76 15.67
C LEU A 185 31.00 -5.68 14.60
N SER A 186 30.06 -5.60 13.69
CA SER A 186 30.14 -4.67 12.57
C SER A 186 29.15 -3.53 12.76
N MET A 187 29.62 -2.31 12.55
CA MET A 187 28.79 -1.15 12.87
C MET A 187 28.85 -0.05 11.81
N LEU A 188 27.71 0.63 11.68
CA LEU A 188 27.56 1.77 10.79
C LEU A 188 27.01 2.93 11.59
N LYS A 189 27.52 4.13 11.36
CA LYS A 189 26.91 5.32 11.92
C LYS A 189 25.48 5.45 11.40
N GLY A 190 24.52 5.57 12.30
CA GLY A 190 23.13 5.74 11.92
C GLY A 190 22.80 7.20 11.71
N PRO A 191 21.60 7.48 11.17
CA PRO A 191 21.18 8.85 10.87
C PRO A 191 20.79 9.63 12.13
N GLY A 192 20.44 8.91 13.19
CA GLY A 192 20.05 9.55 14.44
C GLY A 192 21.26 9.98 15.24
N PRO A 193 21.06 10.93 16.17
CA PRO A 193 22.15 11.40 17.02
C PRO A 193 22.68 10.30 17.93
N ASN A 194 24.00 10.10 17.93
CA ASN A 194 24.66 9.13 18.79
C ASN A 194 24.15 7.71 18.57
N GLN A 195 23.72 7.46 17.34
CA GLN A 195 23.06 6.22 16.99
C GLN A 195 23.87 5.45 15.96
N TRP A 196 23.99 4.14 16.16
CA TRP A 196 24.73 3.29 15.23
C TRP A 196 23.91 2.04 14.90
N TYR A 197 24.06 1.53 13.68
CA TYR A 197 23.45 0.26 13.29
C TYR A 197 24.50 -0.84 13.45
N ALA A 198 24.15 -1.91 14.15
CA ALA A 198 25.12 -2.95 14.49
C ALA A 198 24.69 -4.35 14.06
N GLU A 199 25.67 -5.17 13.73
CA GLU A 199 25.43 -6.59 13.50
C GLU A 199 26.49 -7.41 14.21
N LEU A 200 26.07 -8.53 14.78
CA LEU A 200 27.00 -9.55 15.23
C LEU A 200 26.99 -10.64 14.16
N ARG A 201 28.17 -11.16 13.82
CA ARG A 201 28.25 -12.14 12.74
C ARG A 201 29.43 -13.07 12.93
N ALA A 202 29.21 -14.34 12.58
CA ALA A 202 30.29 -15.32 12.47
C ALA A 202 30.85 -15.25 11.07
N LYS A 203 31.95 -15.96 10.83
CA LYS A 203 32.50 -16.05 9.48
C LYS A 203 31.48 -16.69 8.56
N PRO A 204 31.29 -16.13 7.36
CA PRO A 204 30.34 -16.72 6.41
C PRO A 204 30.64 -18.21 6.21
N GLY A 205 29.62 -19.05 6.35
CA GLY A 205 29.84 -20.48 6.26
C GLY A 205 30.07 -21.18 7.59
N ASP A 206 30.42 -20.42 8.63
CA ASP A 206 30.61 -21.02 9.96
C ASP A 206 29.28 -21.38 10.63
N LEU A 207 28.18 -20.85 10.09
CA LEU A 207 26.84 -21.18 10.58
C LEU A 207 26.10 -22.05 9.58
N ALA A 208 25.35 -23.02 10.08
CA ALA A 208 24.59 -23.93 9.23
C ALA A 208 23.29 -23.32 8.71
N ASN A 209 22.77 -22.32 9.42
CA ASN A 209 21.42 -21.83 9.18
C ASN A 209 21.31 -20.67 8.20
N ASN A 210 22.45 -20.14 7.76
CA ASN A 210 22.48 -19.14 6.70
C ASN A 210 23.81 -19.18 5.97
N GLY A 211 24.00 -18.26 5.03
CA GLY A 211 25.23 -18.23 4.26
C GLY A 211 26.18 -17.11 4.64
N ASN A 212 25.64 -15.99 5.10
CA ASN A 212 26.49 -14.83 5.34
C ASN A 212 27.02 -14.73 6.77
N GLY A 213 26.56 -15.64 7.63
CA GLY A 213 27.07 -15.72 8.98
C GLY A 213 26.45 -14.79 10.02
N GLN A 214 25.44 -14.03 9.63
CA GLN A 214 24.80 -13.11 10.57
C GLN A 214 24.20 -13.81 11.79
N ILE A 215 24.49 -13.26 12.97
CA ILE A 215 24.03 -13.81 14.24
C ILE A 215 22.86 -12.99 14.77
N SER A 216 23.00 -11.66 14.75
CA SER A 216 21.95 -10.78 15.23
C SER A 216 22.19 -9.36 14.76
N THR A 217 21.16 -8.52 14.87
CA THR A 217 21.28 -7.13 14.47
C THR A 217 20.62 -6.25 15.52
N GLY A 218 20.99 -4.97 15.55
CA GLY A 218 20.42 -4.07 16.52
C GLY A 218 20.89 -2.64 16.35
N ILE A 219 20.12 -1.71 16.91
CA ILE A 219 20.49 -0.31 16.94
C ILE A 219 21.10 0.00 18.30
N ILE A 220 22.32 0.54 18.30
CA ILE A 220 23.02 0.88 19.52
C ILE A 220 22.94 2.38 19.75
N GLU A 221 22.66 2.79 20.98
CA GLU A 221 22.57 4.22 21.31
C GLU A 221 23.63 4.60 22.33
N PHE A 222 24.15 5.82 22.21
CA PHE A 222 25.07 6.35 23.20
C PHE A 222 24.49 7.62 23.82
N THR A 223 24.99 8.00 24.98
CA THR A 223 24.60 9.26 25.59
C THR A 223 25.33 10.40 24.88
N THR A 224 24.92 11.63 25.16
CA THR A 224 25.57 12.79 24.59
C THR A 224 27.02 12.91 25.04
N ASP A 225 27.37 12.17 26.10
CA ASP A 225 28.72 12.17 26.63
C ASP A 225 29.53 10.99 26.10
N GLY A 226 28.93 10.20 25.22
CA GLY A 226 29.64 9.09 24.60
C GLY A 226 29.62 7.79 25.40
N LYS A 227 28.72 7.70 26.36
CA LYS A 227 28.58 6.47 27.14
C LYS A 227 27.48 5.60 26.55
N LEU A 228 27.70 4.29 26.57
CA LEU A 228 26.72 3.34 26.06
C LEU A 228 25.39 3.46 26.79
N LYS A 229 24.31 3.66 26.02
CA LYS A 229 23.00 3.90 26.59
C LYS A 229 22.14 2.63 26.51
N ASN A 230 22.05 2.07 25.31
CA ASN A 230 21.39 0.78 25.12
C ASN A 230 21.85 0.09 23.85
N THR A 231 21.58 -1.21 23.76
CA THR A 231 22.02 -2.01 22.63
C THR A 231 20.85 -2.54 21.80
N GLY A 232 19.67 -1.97 22.00
CA GLY A 232 18.49 -2.38 21.27
C GLY A 232 18.25 -3.88 21.37
N SER A 233 17.98 -4.51 20.24
CA SER A 233 17.74 -5.95 20.22
C SER A 233 18.97 -6.74 19.78
N LEU A 234 20.14 -6.11 19.84
CA LEU A 234 21.37 -6.76 19.40
C LEU A 234 21.62 -8.05 20.18
N PHE A 235 21.35 -8.02 21.48
CA PHE A 235 21.48 -9.21 22.31
C PHE A 235 20.10 -9.68 22.78
N GLY A 236 19.08 -9.38 21.99
CA GLY A 236 17.71 -9.72 22.37
C GLY A 236 17.32 -9.03 23.66
N THR A 237 16.86 -9.81 24.63
CA THR A 237 16.51 -9.28 25.93
C THR A 237 17.39 -9.88 27.03
N THR A 238 18.49 -10.49 26.64
CA THR A 238 19.38 -11.17 27.57
C THR A 238 19.93 -10.21 28.60
N SER A 239 20.10 -10.69 29.83
CA SER A 239 20.78 -9.97 30.88
C SER A 239 21.53 -11.00 31.73
N PRO A 240 22.87 -10.91 31.78
CA PRO A 240 23.70 -9.94 31.05
C PRO A 240 23.68 -10.17 29.55
N THR A 241 24.07 -9.17 28.77
CA THR A 241 24.06 -9.26 27.31
C THR A 241 24.88 -10.44 26.85
N ALA A 242 24.26 -11.31 26.06
CA ALA A 242 24.91 -12.54 25.62
C ALA A 242 24.35 -13.00 24.28
N ILE A 243 25.07 -13.90 23.63
CA ILE A 243 24.55 -14.63 22.48
C ILE A 243 24.71 -16.11 22.72
N THR A 244 23.85 -16.92 22.10
CA THR A 244 24.02 -18.37 22.11
C THR A 244 24.06 -18.89 20.67
N ILE A 245 25.14 -19.56 20.32
CA ILE A 245 25.24 -20.25 19.04
C ILE A 245 25.03 -21.73 19.29
N LYS A 246 24.04 -22.33 18.64
CA LYS A 246 23.69 -23.72 18.93
C LYS A 246 24.72 -24.69 18.40
N SER A 247 24.75 -25.88 18.99
CA SER A 247 25.66 -26.94 18.62
C SER A 247 25.57 -27.30 17.14
N SER A 248 26.66 -27.82 16.59
CA SER A 248 26.59 -28.46 15.29
C SER A 248 25.47 -29.49 15.37
N GLY A 249 24.62 -29.54 14.36
CA GLY A 249 23.57 -30.54 14.30
C GLY A 249 22.34 -30.26 15.15
N TYR A 250 22.28 -29.10 15.80
CA TYR A 250 21.10 -28.76 16.59
C TYR A 250 19.87 -28.60 15.69
N ILE A 251 18.79 -29.28 16.06
CA ILE A 251 17.51 -29.12 15.41
C ILE A 251 16.48 -28.57 16.39
N ALA A 252 15.88 -27.44 16.07
CA ALA A 252 14.85 -26.85 16.92
C ALA A 252 13.58 -27.71 16.87
N PRO A 253 13.11 -28.19 18.04
CA PRO A 253 11.90 -29.01 18.05
C PRO A 253 10.70 -28.27 17.48
N THR A 254 9.82 -29.00 16.81
CA THR A 254 8.59 -28.41 16.30
C THR A 254 7.79 -27.82 17.45
N VAL A 255 7.42 -26.55 17.36
CA VAL A 255 6.67 -25.90 18.43
C VAL A 255 5.25 -26.43 18.55
N THR A 256 4.73 -26.40 19.77
CA THR A 256 3.32 -26.69 20.03
C THR A 256 2.55 -25.39 19.89
N PRO A 257 1.51 -25.38 19.04
CA PRO A 257 0.94 -24.17 18.44
C PRO A 257 0.05 -23.23 19.27
N PRO A 258 0.39 -22.95 20.54
CA PRO A 258 0.23 -21.53 20.86
C PRO A 258 1.56 -20.82 20.59
N ALA A 259 2.66 -21.49 20.90
CA ALA A 259 3.99 -20.99 20.58
C ALA A 259 4.20 -20.93 19.07
N VAL A 260 5.03 -20.00 18.62
CA VAL A 260 5.35 -19.86 17.21
C VAL A 260 6.81 -20.26 16.97
N GLN A 261 7.09 -20.90 15.84
CA GLN A 261 8.45 -21.37 15.59
C GLN A 261 9.40 -20.18 15.45
N PRO A 262 10.40 -20.10 16.34
CA PRO A 262 11.38 -19.01 16.24
C PRO A 262 12.18 -19.11 14.95
N PRO A 263 12.61 -17.97 14.39
CA PRO A 263 13.52 -18.06 13.26
C PRO A 263 14.69 -18.96 13.64
N THR A 264 15.18 -19.76 12.71
CA THR A 264 16.25 -20.71 13.03
C THR A 264 17.41 -19.95 13.64
N PRO A 265 17.77 -20.29 14.88
CA PRO A 265 18.84 -19.60 15.60
C PRO A 265 20.19 -19.86 14.97
N PRO A 266 21.18 -18.99 15.23
CA PRO A 266 22.56 -19.26 14.79
C PRO A 266 23.00 -20.64 15.27
N THR A 267 23.43 -21.47 14.33
CA THR A 267 23.79 -22.85 14.60
C THR A 267 25.12 -23.15 13.91
N TRP A 268 26.10 -23.69 14.66
CA TRP A 268 27.41 -24.01 14.10
C TRP A 268 27.30 -24.94 12.90
N ALA A 269 28.15 -24.71 11.90
CA ALA A 269 28.18 -25.59 10.74
C ALA A 269 28.44 -27.02 11.17
N ASP A 270 27.76 -27.96 10.53
CA ASP A 270 27.96 -29.39 10.80
C ASP A 270 29.41 -29.84 10.82
N ALA A 271 30.16 -29.41 9.81
CA ALA A 271 31.56 -29.82 9.61
C ALA A 271 32.45 -29.50 10.81
N LEU A 272 32.15 -28.40 11.51
CA LEU A 272 32.94 -28.00 12.65
C LEU A 272 32.79 -29.00 13.80
N GLY A 273 31.59 -29.56 13.94
CA GLY A 273 31.31 -30.58 14.93
C GLY A 273 31.56 -30.13 16.36
N ILE A 274 31.20 -28.89 16.65
CA ILE A 274 31.47 -28.28 17.96
C ILE A 274 30.19 -28.03 18.74
N ASP A 275 30.37 -27.80 20.06
CA ASP A 275 29.25 -27.67 20.99
C ASP A 275 28.58 -26.32 20.97
N GLU A 276 27.38 -26.26 21.56
CA GLU A 276 26.70 -25.01 21.81
C GLU A 276 27.64 -24.04 22.52
N GLN A 277 27.61 -22.78 22.11
CA GLN A 277 28.50 -21.79 22.69
C GLN A 277 27.74 -20.54 23.12
N GLU A 278 27.44 -20.48 24.42
CA GLU A 278 26.82 -19.30 25.00
C GLU A 278 27.91 -18.37 25.49
N VAL A 279 27.92 -17.14 24.99
CA VAL A 279 28.98 -16.19 25.31
C VAL A 279 28.43 -14.84 25.79
N GLN A 280 28.78 -14.48 27.02
CA GLN A 280 28.47 -13.15 27.50
C GLN A 280 29.35 -12.14 26.76
N ILE A 281 28.73 -11.08 26.26
CA ILE A 281 29.48 -10.03 25.57
C ILE A 281 29.29 -8.71 26.30
N ASP A 282 30.35 -8.31 27.00
CA ASP A 282 30.30 -7.17 27.89
C ASP A 282 30.77 -5.90 27.17
N LEU A 283 29.83 -4.99 26.90
CA LEU A 283 30.16 -3.72 26.25
C LEU A 283 30.17 -2.55 27.21
N ALA A 284 30.16 -2.80 28.52
CA ALA A 284 30.00 -1.73 29.50
C ALA A 284 30.81 -1.87 30.78
N SER A 285 31.99 -2.46 30.70
CA SER A 285 32.84 -2.60 31.87
C SER A 285 33.32 -1.24 32.39
N ALA A 286 33.72 -1.20 33.66
CA ALA A 286 34.14 0.06 34.28
C ALA A 286 35.42 0.61 33.66
N ALA A 287 36.43 -0.24 33.53
CA ALA A 287 37.72 0.22 33.01
C ALA A 287 37.67 0.43 31.50
N GLY A 288 36.87 -0.37 30.80
CA GLY A 288 36.80 -0.30 29.35
C GLY A 288 35.41 0.01 28.82
N GLY A 289 34.91 -0.86 27.96
CA GLY A 289 33.57 -0.71 27.41
C GLY A 289 33.57 -0.12 26.02
N LEU A 290 32.40 -0.09 25.41
CA LEU A 290 32.22 0.52 24.10
C LEU A 290 31.81 1.98 24.27
N THR A 291 32.66 2.90 23.82
CA THR A 291 32.42 4.34 24.00
C THR A 291 32.29 5.07 22.69
N GLN A 292 31.79 6.31 22.77
CA GLN A 292 31.50 7.08 21.58
C GLN A 292 31.98 8.53 21.76
N TYR A 293 33.27 8.69 22.05
CA TYR A 293 33.88 10.02 22.19
C TYR A 293 34.34 10.54 20.84
N ASN A 294 34.57 11.85 20.73
CA ASN A 294 35.09 12.42 19.48
C ASN A 294 36.59 12.21 19.39
N SER A 295 36.99 10.97 19.16
CA SER A 295 38.38 10.65 18.92
C SER A 295 38.41 9.48 17.97
N GLN A 296 39.60 9.12 17.51
CA GLN A 296 39.79 8.02 16.56
C GLN A 296 38.95 6.79 16.92
N SER A 297 38.27 6.22 15.94
CA SER A 297 37.65 4.92 16.11
C SER A 297 38.76 3.91 16.27
N VAL A 298 38.77 3.18 17.38
CA VAL A 298 39.87 2.27 17.65
C VAL A 298 39.46 1.15 18.60
N VAL A 299 40.02 -0.04 18.38
CA VAL A 299 39.89 -1.12 19.34
C VAL A 299 41.05 -1.06 20.32
N GLN A 300 40.76 -0.75 21.59
CA GLN A 300 41.79 -0.67 22.61
C GLN A 300 42.22 -2.07 23.02
N SER A 301 41.25 -2.93 23.29
CA SER A 301 41.52 -4.34 23.59
C SER A 301 40.25 -5.15 23.63
N VAL A 302 40.39 -6.47 23.51
CA VAL A 302 39.29 -7.39 23.71
C VAL A 302 39.70 -8.42 24.76
N ASN A 303 38.99 -8.43 25.89
CA ASN A 303 39.25 -9.40 26.93
C ASN A 303 38.43 -10.65 26.67
N THR A 304 39.04 -11.82 26.86
CA THR A 304 38.31 -13.08 26.83
C THR A 304 38.72 -13.88 28.06
N ASN A 305 37.86 -14.79 28.52
CA ASN A 305 38.19 -15.65 29.68
C ASN A 305 39.25 -16.69 29.32
N LYS B 3 -35.44 25.22 -24.70
CA LYS B 3 -35.06 23.80 -24.65
C LYS B 3 -33.59 23.68 -24.30
N THR B 4 -33.30 22.92 -23.26
CA THR B 4 -31.93 22.75 -22.81
C THR B 4 -31.13 21.89 -23.78
N THR B 5 -29.98 22.39 -24.22
CA THR B 5 -29.13 21.65 -25.15
C THR B 5 -27.72 21.42 -24.60
N ARG B 6 -27.34 22.18 -23.59
CA ARG B 6 -26.01 22.03 -23.01
C ARG B 6 -25.99 22.37 -21.53
N VAL B 7 -25.40 21.48 -20.74
CA VAL B 7 -25.29 21.70 -19.31
C VAL B 7 -23.83 21.58 -18.88
N GLY B 8 -23.43 22.43 -17.95
CA GLY B 8 -22.09 22.38 -17.41
C GLY B 8 -22.17 22.09 -15.93
N VAL B 9 -21.51 21.02 -15.50
CA VAL B 9 -21.53 20.64 -14.09
C VAL B 9 -20.24 21.08 -13.40
N ASN B 10 -20.38 21.87 -12.35
CA ASN B 10 -19.24 22.31 -11.57
C ASN B 10 -19.39 21.85 -10.13
N ALA B 11 -18.65 20.82 -9.77
CA ALA B 11 -18.84 20.15 -8.50
C ALA B 11 -17.60 19.40 -8.09
N ASN B 12 -17.41 19.23 -6.78
CA ASN B 12 -16.31 18.42 -6.30
C ASN B 12 -16.78 17.17 -5.58
N LEU B 13 -16.05 16.08 -5.82
CA LEU B 13 -16.28 14.81 -5.14
C LEU B 13 -15.13 14.56 -4.18
N ARG B 14 -15.42 14.43 -2.89
CA ARG B 14 -14.33 14.27 -1.92
C ARG B 14 -13.51 13.02 -2.20
N SER B 15 -12.22 13.24 -2.47
CA SER B 15 -11.32 12.15 -2.86
C SER B 15 -11.23 11.08 -1.78
N GLU B 16 -11.37 11.50 -0.52
CA GLU B 16 -11.24 10.60 0.62
C GLU B 16 -12.57 9.95 1.01
N GLN B 17 -13.62 10.19 0.23
CA GLN B 17 -14.90 9.53 0.45
C GLN B 17 -14.70 8.03 0.56
N PRO B 18 -15.02 7.45 1.73
CA PRO B 18 -14.81 6.02 1.89
C PRO B 18 -15.89 5.21 1.16
N VAL B 19 -15.50 4.03 0.70
CA VAL B 19 -16.40 3.17 -0.07
C VAL B 19 -17.49 2.58 0.82
N ALA B 20 -18.73 2.60 0.32
CA ALA B 20 -19.86 2.04 1.04
C ALA B 20 -19.75 0.53 1.18
N ALA B 21 -20.33 0.00 2.25
CA ALA B 21 -20.36 -1.44 2.47
C ALA B 21 -21.15 -2.14 1.35
N ALA B 22 -22.03 -1.40 0.70
CA ALA B 22 -22.79 -1.94 -0.42
C ALA B 22 -21.96 -2.04 -1.70
N VAL B 23 -20.78 -1.43 -1.69
CA VAL B 23 -19.88 -1.48 -2.84
C VAL B 23 -18.69 -2.39 -2.55
N SER B 24 -18.14 -2.30 -1.35
CA SER B 24 -17.08 -3.20 -0.89
C SER B 24 -17.48 -3.82 0.44
N TYR B 25 -17.79 -5.11 0.42
CA TYR B 25 -18.36 -5.81 1.56
C TYR B 25 -17.34 -6.69 2.25
N LYS B 26 -17.01 -6.36 3.50
CA LYS B 26 -16.12 -7.18 4.30
C LYS B 26 -16.91 -8.28 4.99
N VAL B 27 -16.51 -9.52 4.75
CA VAL B 27 -17.19 -10.67 5.32
C VAL B 27 -17.01 -10.75 6.83
N GLY B 28 -18.06 -11.13 7.55
CA GLY B 28 -17.96 -11.38 8.98
C GLY B 28 -18.55 -10.29 9.83
N THR B 29 -18.14 -10.24 11.09
CA THR B 29 -18.62 -9.23 12.02
C THR B 29 -17.57 -8.13 12.20
N ALA B 30 -18.03 -6.91 12.40
CA ALA B 30 -17.13 -5.78 12.64
C ALA B 30 -16.27 -6.02 13.87
N GLY B 31 -15.00 -5.64 13.78
CA GLY B 31 -14.09 -5.78 14.90
C GLY B 31 -13.37 -7.12 14.95
N SER B 32 -13.68 -7.99 13.99
CA SER B 32 -13.06 -9.30 13.93
C SER B 32 -12.66 -9.64 12.50
N PRO B 33 -11.61 -10.46 12.33
CA PRO B 33 -11.22 -10.91 10.98
C PRO B 33 -12.32 -11.75 10.35
N SER B 34 -12.43 -11.70 9.04
CA SER B 34 -13.40 -12.51 8.31
C SER B 34 -13.18 -14.00 8.56
N LYS B 35 -11.90 -14.39 8.52
CA LYS B 35 -11.53 -15.80 8.56
C LYS B 35 -10.31 -15.98 9.46
N THR B 36 -10.38 -16.96 10.35
CA THR B 36 -9.30 -17.21 11.29
C THR B 36 -8.65 -18.57 11.05
N ASN B 37 -7.37 -18.67 11.42
CA ASN B 37 -6.62 -19.92 11.32
C ASN B 37 -6.66 -20.52 9.92
N VAL B 38 -6.42 -19.68 8.92
CA VAL B 38 -6.27 -20.15 7.55
C VAL B 38 -4.82 -20.61 7.39
N VAL B 39 -4.63 -21.91 7.17
CA VAL B 39 -3.29 -22.48 7.11
C VAL B 39 -2.83 -22.59 5.67
N ASP B 40 -1.62 -22.11 5.39
CA ASP B 40 -1.15 -22.10 4.01
C ASP B 40 -0.37 -23.37 3.68
N SER B 41 0.04 -23.50 2.42
CA SER B 41 0.70 -24.71 1.94
C SER B 41 2.09 -24.92 2.56
N ALA B 42 2.60 -23.90 3.24
CA ALA B 42 3.87 -24.01 3.94
C ALA B 42 3.67 -24.28 5.43
N THR B 43 2.40 -24.46 5.79
CA THR B 43 1.93 -24.80 7.15
C THR B 43 1.92 -23.61 8.11
N ASN B 44 2.05 -22.39 7.59
CA ASN B 44 1.90 -21.20 8.42
C ASN B 44 0.44 -20.77 8.51
N SER B 45 0.06 -20.20 9.65
CA SER B 45 -1.35 -19.84 9.89
C SER B 45 -1.58 -18.33 9.79
N HIS B 46 -2.78 -17.95 9.34
CA HIS B 46 -3.13 -16.55 9.12
C HIS B 46 -4.57 -16.23 9.55
N ASN B 47 -4.80 -14.97 9.92
CA ASN B 47 -6.15 -14.42 9.96
C ASN B 47 -6.32 -13.48 8.77
N TYR B 48 -7.43 -13.61 8.05
CA TYR B 48 -7.64 -12.80 6.86
C TYR B 48 -8.98 -12.07 6.89
N ASP B 49 -8.99 -10.86 6.34
CA ASP B 49 -10.25 -10.22 5.96
C ASP B 49 -10.53 -10.57 4.50
N VAL B 50 -11.80 -10.81 4.18
CA VAL B 50 -12.20 -11.06 2.80
C VAL B 50 -13.20 -9.98 2.40
N VAL B 51 -12.91 -9.30 1.30
CA VAL B 51 -13.72 -8.17 0.88
C VAL B 51 -14.19 -8.37 -0.55
N TYR B 52 -15.51 -8.52 -0.74
CA TYR B 52 -16.09 -8.61 -2.07
C TYR B 52 -16.52 -7.24 -2.54
N SER B 53 -16.21 -6.90 -3.79
CA SER B 53 -16.64 -5.63 -4.33
C SER B 53 -17.45 -5.76 -5.61
N SER B 54 -18.38 -4.84 -5.79
CA SER B 54 -19.10 -4.71 -7.05
C SER B 54 -18.13 -4.36 -8.17
N THR B 55 -18.32 -4.96 -9.34
CA THR B 55 -17.57 -4.61 -10.52
C THR B 55 -18.03 -3.31 -11.13
N GLY B 56 -19.20 -2.84 -10.69
CA GLY B 56 -19.86 -1.71 -11.33
C GLY B 56 -20.37 -2.07 -12.71
N ILE B 57 -20.33 -3.36 -13.03
CA ILE B 57 -20.78 -3.86 -14.32
C ILE B 57 -21.91 -4.86 -14.12
N ALA B 58 -23.01 -4.66 -14.84
CA ALA B 58 -24.22 -5.45 -14.66
C ALA B 58 -23.96 -6.95 -14.76
N ASN B 59 -24.43 -7.69 -13.75
CA ASN B 59 -24.47 -9.14 -13.78
C ASN B 59 -25.84 -9.56 -14.29
N PRO B 60 -25.94 -10.76 -14.90
CA PRO B 60 -24.84 -11.70 -15.17
C PRO B 60 -24.03 -11.38 -16.42
N VAL B 61 -22.83 -11.94 -16.46
CA VAL B 61 -21.94 -11.82 -17.60
C VAL B 61 -21.66 -13.21 -18.15
N SER B 62 -22.15 -13.48 -19.36
CA SER B 62 -22.02 -14.80 -19.96
C SER B 62 -22.51 -15.91 -19.03
N GLY B 63 -23.64 -15.68 -18.38
CA GLY B 63 -24.24 -16.66 -17.50
C GLY B 63 -23.65 -16.68 -16.09
N ASN B 64 -22.67 -15.82 -15.83
CA ASN B 64 -21.99 -15.79 -14.54
C ASN B 64 -22.18 -14.48 -13.80
N ASN B 65 -22.24 -14.56 -12.47
CA ASN B 65 -22.20 -13.36 -11.64
C ASN B 65 -20.75 -13.09 -11.23
N GLU B 66 -20.23 -11.93 -11.61
CA GLU B 66 -18.83 -11.60 -11.36
C GLU B 66 -18.66 -10.59 -10.22
N TYR B 67 -17.59 -10.77 -9.44
CA TYR B 67 -17.32 -9.94 -8.27
C TYR B 67 -15.81 -9.75 -8.09
N LEU B 68 -15.41 -8.62 -7.50
CA LEU B 68 -13.99 -8.41 -7.21
C LEU B 68 -13.71 -8.91 -5.81
N VAL B 69 -12.50 -9.40 -5.59
CA VAL B 69 -12.14 -9.96 -4.30
C VAL B 69 -10.78 -9.44 -3.84
N ASP B 70 -10.71 -8.97 -2.59
CA ASP B 70 -9.44 -8.67 -1.97
C ASP B 70 -9.28 -9.53 -0.73
N ILE B 71 -8.09 -10.11 -0.56
CA ILE B 71 -7.74 -10.85 0.64
C ILE B 71 -6.72 -10.02 1.42
N LYS B 72 -7.09 -9.59 2.63
CA LYS B 72 -6.21 -8.72 3.42
C LYS B 72 -5.72 -9.36 4.71
N GLU B 73 -4.45 -9.09 5.02
CA GLU B 73 -3.88 -9.51 6.30
C GLU B 73 -3.40 -8.28 7.05
N ASN B 74 -3.94 -8.07 8.24
CA ASN B 74 -3.69 -6.84 9.01
C ASN B 74 -3.94 -5.58 8.18
N GLY B 75 -4.94 -5.62 7.32
CA GLY B 75 -5.32 -4.47 6.53
C GLY B 75 -4.55 -4.31 5.23
N VAL B 76 -3.59 -5.20 4.99
CA VAL B 76 -2.77 -5.15 3.77
C VAL B 76 -3.21 -6.23 2.79
N ILE B 77 -3.47 -5.84 1.54
CA ILE B 77 -3.88 -6.81 0.51
C ILE B 77 -2.73 -7.76 0.20
N VAL B 78 -2.96 -9.06 0.35
CA VAL B 78 -1.95 -10.06 -0.01
C VAL B 78 -2.35 -10.76 -1.31
N ALA B 79 -3.65 -10.83 -1.58
CA ALA B 79 -4.13 -11.45 -2.82
C ALA B 79 -5.37 -10.72 -3.32
N THR B 80 -5.58 -10.74 -4.63
CA THR B 80 -6.69 -10.00 -5.22
C THR B 80 -7.03 -10.56 -6.60
N GLY B 81 -8.28 -10.35 -7.02
CA GLY B 81 -8.69 -10.76 -8.35
C GLY B 81 -10.18 -10.74 -8.53
N LYS B 82 -10.66 -11.42 -9.57
CA LYS B 82 -12.09 -11.47 -9.85
C LYS B 82 -12.56 -12.91 -9.84
N VAL B 83 -13.77 -13.13 -9.32
CA VAL B 83 -14.37 -14.46 -9.36
C VAL B 83 -15.68 -14.42 -10.13
N ALA B 84 -15.99 -15.54 -10.78
CA ALA B 84 -17.25 -15.70 -11.49
C ALA B 84 -17.99 -16.93 -10.98
N TYR B 85 -19.26 -16.74 -10.63
CA TYR B 85 -20.12 -17.83 -10.19
C TYR B 85 -21.21 -18.05 -11.21
N ASP B 86 -21.53 -19.32 -11.47
CA ASP B 86 -22.64 -19.61 -12.36
C ASP B 86 -23.92 -19.07 -11.75
N ALA B 87 -24.69 -18.33 -12.55
CA ALA B 87 -25.85 -17.63 -12.01
C ALA B 87 -26.99 -18.58 -11.71
N ALA B 88 -26.91 -19.80 -12.23
CA ALA B 88 -27.96 -20.79 -12.04
C ALA B 88 -27.62 -21.75 -10.91
N THR B 89 -26.39 -22.28 -10.95
CA THR B 89 -25.97 -23.31 -10.01
C THR B 89 -25.28 -22.73 -8.78
N ASN B 90 -24.81 -21.49 -8.92
CA ASN B 90 -24.09 -20.76 -7.86
C ASN B 90 -22.73 -21.34 -7.52
N GLU B 91 -22.23 -22.24 -8.38
CA GLU B 91 -20.88 -22.77 -8.21
C GLU B 91 -19.84 -21.84 -8.81
N LEU B 92 -18.63 -21.87 -8.26
CA LEU B 92 -17.53 -21.10 -8.82
C LEU B 92 -17.23 -21.56 -10.23
N VAL B 93 -17.02 -20.61 -11.14
CA VAL B 93 -16.73 -20.93 -12.53
C VAL B 93 -15.29 -20.59 -12.88
N SER B 94 -14.81 -19.46 -12.36
CA SER B 94 -13.44 -19.05 -12.61
C SER B 94 -12.94 -18.15 -11.49
N SER B 95 -11.62 -18.10 -11.35
CA SER B 95 -10.97 -17.23 -10.38
C SER B 95 -9.65 -16.72 -10.93
N THR B 96 -9.43 -15.42 -10.83
CA THR B 96 -8.15 -14.85 -11.19
C THR B 96 -7.42 -14.38 -9.93
N ILE B 97 -7.95 -14.73 -8.76
CA ILE B 97 -7.28 -14.33 -7.52
C ILE B 97 -5.86 -14.89 -7.51
N ASP B 98 -4.89 -13.99 -7.30
CA ASP B 98 -3.48 -14.35 -7.26
C ASP B 98 -2.80 -13.38 -6.31
N TYR B 99 -1.55 -13.63 -5.96
CA TYR B 99 -0.86 -12.76 -5.02
C TYR B 99 -0.67 -11.36 -5.60
N LYS B 100 -0.63 -10.38 -4.72
CA LYS B 100 -0.49 -8.97 -5.12
C LYS B 100 0.78 -8.73 -5.91
N GLY B 101 0.63 -8.35 -7.17
CA GLY B 101 1.76 -8.04 -8.03
C GLY B 101 2.14 -9.16 -8.98
N ALA B 102 1.34 -10.22 -9.00
CA ALA B 102 1.59 -11.37 -9.88
C ALA B 102 1.63 -10.95 -11.34
N SER B 103 2.52 -11.57 -12.11
CA SER B 103 2.65 -11.27 -13.53
C SER B 103 3.39 -12.40 -14.23
N PRO B 104 2.67 -13.23 -15.00
CA PRO B 104 1.24 -13.11 -15.29
C PRO B 104 0.35 -13.58 -14.14
N VAL B 105 -0.85 -13.00 -14.06
CA VAL B 105 -1.86 -13.43 -13.10
C VAL B 105 -2.24 -14.88 -13.39
N THR B 106 -2.21 -15.73 -12.37
CA THR B 106 -2.52 -17.14 -12.54
C THR B 106 -3.44 -17.63 -11.45
N GLY B 107 -4.73 -17.68 -11.75
CA GLY B 107 -5.74 -18.10 -10.80
C GLY B 107 -5.93 -19.60 -10.70
N SER B 108 -6.80 -20.02 -9.79
CA SER B 108 -7.06 -21.44 -9.55
C SER B 108 -8.48 -21.62 -9.03
N MET B 109 -9.09 -22.77 -9.34
CA MET B 109 -10.43 -23.10 -8.84
C MET B 109 -10.44 -23.46 -7.36
N THR B 110 -9.28 -23.73 -6.80
CA THR B 110 -9.20 -24.25 -5.43
C THR B 110 -8.31 -23.43 -4.51
N THR B 111 -7.35 -22.71 -5.08
CA THR B 111 -6.44 -21.92 -4.25
C THR B 111 -6.18 -20.52 -4.77
N THR B 112 -5.48 -19.74 -3.95
CA THR B 112 -4.77 -18.57 -4.44
C THR B 112 -3.38 -18.55 -3.85
N ARG B 113 -2.41 -18.12 -4.65
CA ARG B 113 -1.08 -17.85 -4.11
C ARG B 113 -1.16 -16.65 -3.17
N ILE B 114 -0.29 -16.62 -2.16
CA ILE B 114 -0.24 -15.48 -1.26
C ILE B 114 1.14 -14.82 -1.27
N ASN B 115 2.07 -15.38 -2.03
CA ASN B 115 3.36 -14.74 -2.20
C ASN B 115 4.03 -15.21 -3.49
N ALA B 116 5.11 -14.53 -3.86
CA ALA B 116 5.82 -14.83 -5.10
C ALA B 116 6.49 -16.20 -5.06
N ALA B 117 6.68 -16.73 -3.86
CA ALA B 117 7.34 -18.03 -3.69
C ALA B 117 6.42 -19.19 -4.08
N GLY B 118 5.12 -18.91 -4.18
CA GLY B 118 4.17 -19.91 -4.60
C GLY B 118 3.32 -20.50 -3.49
N THR B 119 3.50 -20.01 -2.27
CA THR B 119 2.69 -20.46 -1.13
C THR B 119 1.21 -20.12 -1.36
N THR B 120 0.34 -21.08 -1.09
CA THR B 120 -1.08 -20.93 -1.35
C THR B 120 -1.93 -21.09 -0.10
N VAL B 121 -3.16 -20.58 -0.16
CA VAL B 121 -4.18 -20.90 0.82
C VAL B 121 -5.41 -21.38 0.04
N ASN B 122 -6.30 -22.11 0.71
CA ASN B 122 -7.46 -22.70 0.03
C ASN B 122 -8.62 -21.74 -0.05
N LEU B 123 -9.24 -21.62 -1.22
CA LEU B 123 -10.37 -20.73 -1.40
C LEU B 123 -11.54 -21.10 -0.48
N ALA B 124 -11.67 -22.40 -0.18
CA ALA B 124 -12.71 -22.87 0.71
C ALA B 124 -12.56 -22.26 2.10
N ASP B 125 -11.31 -22.07 2.52
CA ASP B 125 -11.03 -21.49 3.83
C ASP B 125 -11.28 -19.99 3.84
N LEU B 126 -11.34 -19.39 2.66
CA LEU B 126 -11.59 -17.96 2.51
C LEU B 126 -13.08 -17.71 2.28
N GLY B 127 -13.84 -18.79 2.15
CA GLY B 127 -15.27 -18.71 1.95
C GLY B 127 -15.66 -18.37 0.52
N ILE B 128 -14.67 -18.34 -0.37
CA ILE B 128 -14.90 -18.00 -1.77
C ILE B 128 -15.47 -19.24 -2.49
N VAL B 129 -15.18 -20.40 -1.91
CA VAL B 129 -15.84 -21.64 -2.29
C VAL B 129 -16.43 -22.23 -1.01
N ASN B 130 -17.58 -22.89 -1.13
CA ASN B 130 -18.32 -23.38 0.02
C ASN B 130 -18.40 -24.91 0.02
N ALA B 131 -17.83 -25.54 1.04
CA ALA B 131 -17.78 -27.00 1.10
C ALA B 131 -19.14 -27.59 1.45
N SER B 132 -20.00 -26.78 2.06
CA SER B 132 -21.29 -27.27 2.52
C SER B 132 -22.43 -26.38 2.03
N GLY B 133 -22.39 -26.02 0.76
CA GLY B 133 -23.42 -25.17 0.20
C GLY B 133 -23.01 -24.42 -1.06
N ALA B 134 -23.80 -23.42 -1.42
CA ALA B 134 -23.53 -22.61 -2.61
C ALA B 134 -22.23 -21.84 -2.46
N ASP B 135 -21.37 -21.93 -3.46
CA ASP B 135 -20.09 -21.23 -3.44
C ASP B 135 -20.25 -19.72 -3.27
N ASP B 136 -21.26 -19.14 -3.90
CA ASP B 136 -21.42 -17.68 -3.83
C ASP B 136 -22.18 -17.23 -2.59
N ALA B 137 -22.39 -18.14 -1.64
CA ALA B 137 -23.21 -17.83 -0.45
C ALA B 137 -22.72 -16.58 0.29
N GLU B 138 -21.41 -16.46 0.51
CA GLU B 138 -20.92 -15.38 1.35
C GLU B 138 -20.95 -14.03 0.62
N VAL B 139 -20.74 -14.02 -0.70
CA VAL B 139 -20.80 -12.74 -1.41
C VAL B 139 -22.27 -12.32 -1.62
N VAL B 140 -23.13 -13.29 -1.92
CA VAL B 140 -24.55 -13.01 -2.08
C VAL B 140 -25.13 -12.33 -0.83
N ALA B 141 -24.63 -12.71 0.35
CA ALA B 141 -25.10 -12.12 1.59
C ALA B 141 -24.75 -10.63 1.70
N GLY B 142 -23.80 -10.18 0.89
CA GLY B 142 -23.39 -8.78 0.91
C GLY B 142 -24.33 -7.84 0.18
N LYS B 143 -25.23 -8.41 -0.62
CA LYS B 143 -26.21 -7.64 -1.40
C LYS B 143 -25.55 -6.48 -2.15
N LEU B 144 -24.55 -6.79 -2.95
CA LEU B 144 -23.70 -5.75 -3.55
C LEU B 144 -24.37 -4.94 -4.67
N TYR B 145 -23.91 -3.70 -4.81
CA TYR B 145 -24.31 -2.82 -5.90
C TYR B 145 -24.26 -3.50 -7.25
N ASP B 146 -25.29 -3.26 -8.06
CA ASP B 146 -25.31 -3.70 -9.44
C ASP B 146 -26.06 -2.64 -10.24
N PRO B 147 -25.42 -2.10 -11.30
CA PRO B 147 -26.02 -0.97 -12.04
C PRO B 147 -27.33 -1.36 -12.71
N SER B 148 -27.56 -2.65 -12.89
CA SER B 148 -28.78 -3.12 -13.54
C SER B 148 -29.85 -3.57 -12.54
N THR B 149 -29.47 -4.34 -11.53
CA THR B 149 -30.47 -4.98 -10.68
C THR B 149 -30.48 -4.50 -9.22
N TRP B 150 -29.53 -3.65 -8.84
CA TRP B 150 -29.47 -3.18 -7.47
C TRP B 150 -28.78 -1.82 -7.42
N SER B 151 -29.40 -0.84 -8.07
CA SER B 151 -28.71 0.37 -8.47
C SER B 151 -29.14 1.60 -7.68
N MET B 152 -28.50 2.72 -7.97
CA MET B 152 -28.89 3.99 -7.37
C MET B 152 -30.24 4.44 -7.93
N SER B 153 -30.52 4.07 -9.17
CA SER B 153 -31.81 4.38 -9.76
C SER B 153 -32.93 3.54 -9.11
N ASP B 154 -32.61 2.31 -8.77
CA ASP B 154 -33.55 1.46 -8.04
C ASP B 154 -33.88 2.13 -6.70
N TYR B 155 -32.83 2.62 -6.04
CA TYR B 155 -32.99 3.29 -4.76
C TYR B 155 -33.87 4.52 -4.89
N ALA B 156 -33.72 5.25 -5.99
CA ALA B 156 -34.51 6.47 -6.22
C ALA B 156 -35.99 6.14 -6.30
N LYS B 157 -36.32 5.00 -6.90
CA LYS B 157 -37.70 4.57 -7.06
C LYS B 157 -38.28 4.03 -5.75
N ASP B 158 -37.45 3.30 -5.00
CA ASP B 158 -37.85 2.71 -3.72
C ASP B 158 -36.64 2.67 -2.79
N ASN B 159 -36.68 3.48 -1.73
CA ASN B 159 -35.53 3.65 -0.84
C ASN B 159 -35.12 2.39 -0.05
N SER B 160 -35.93 1.34 -0.10
CA SER B 160 -35.58 0.08 0.54
C SER B 160 -34.81 -0.81 -0.43
N LYS B 161 -34.66 -0.33 -1.67
CA LYS B 161 -34.01 -1.10 -2.72
C LYS B 161 -32.72 -0.43 -3.17
N GLY B 162 -31.88 -1.20 -3.84
CA GLY B 162 -30.66 -0.67 -4.42
C GLY B 162 -29.68 -0.11 -3.42
N VAL B 163 -28.93 0.89 -3.85
CA VAL B 163 -27.90 1.51 -3.03
C VAL B 163 -28.07 3.02 -3.00
N LYS B 164 -28.02 3.60 -1.80
CA LYS B 164 -28.02 5.05 -1.62
C LYS B 164 -26.72 5.67 -2.15
N PRO B 165 -26.82 6.70 -3.00
CA PRO B 165 -25.60 7.31 -3.55
C PRO B 165 -24.72 7.95 -2.49
N ASP B 166 -23.44 8.12 -2.78
CA ASP B 166 -22.55 8.90 -1.93
C ASP B 166 -22.73 10.39 -2.22
N PHE B 167 -23.10 10.70 -3.46
CA PHE B 167 -23.30 12.09 -3.86
C PHE B 167 -24.18 12.19 -5.10
N GLU B 168 -24.91 13.30 -5.21
CA GLU B 168 -25.78 13.54 -6.36
C GLU B 168 -25.67 14.97 -6.85
N VAL B 169 -25.79 15.13 -8.18
CA VAL B 169 -25.92 16.42 -8.81
C VAL B 169 -27.20 16.48 -9.62
N GLN B 170 -28.08 17.42 -9.29
CA GLN B 170 -29.33 17.58 -10.03
C GLN B 170 -29.16 18.51 -11.22
N ILE B 171 -29.77 18.14 -12.34
CA ILE B 171 -29.68 18.90 -13.57
C ILE B 171 -31.08 19.20 -14.10
N PRO B 172 -31.49 20.47 -14.03
CA PRO B 172 -32.80 20.84 -14.55
C PRO B 172 -32.76 21.01 -16.07
N LEU B 173 -33.62 20.28 -16.77
CA LEU B 173 -33.76 20.44 -18.21
C LEU B 173 -35.10 21.07 -18.56
N SER B 174 -35.08 22.10 -19.40
CA SER B 174 -36.31 22.61 -20.00
C SER B 174 -36.63 21.77 -21.23
N ASP B 175 -37.84 21.19 -21.28
CA ASP B 175 -38.21 20.33 -22.39
C ASP B 175 -38.84 21.13 -23.52
N SER B 176 -39.31 20.43 -24.55
CA SER B 176 -39.81 21.10 -25.75
C SER B 176 -41.15 21.81 -25.50
N LYS B 177 -41.77 21.53 -24.37
CA LYS B 177 -43.01 22.22 -24.00
C LYS B 177 -42.76 23.31 -22.96
N GLY B 178 -41.50 23.49 -22.57
CA GLY B 178 -41.18 24.48 -21.57
C GLY B 178 -41.33 23.96 -20.16
N GLY B 179 -41.59 22.66 -20.02
CA GLY B 179 -41.67 22.04 -18.71
C GLY B 179 -40.27 21.76 -18.18
N GLN B 180 -40.16 21.44 -16.90
CA GLN B 180 -38.84 21.17 -16.33
C GLN B 180 -38.67 19.69 -15.98
N ARG B 181 -37.68 19.05 -16.61
CA ARG B 181 -37.35 17.65 -16.34
C ARG B 181 -36.09 17.61 -15.49
N THR B 182 -36.14 16.88 -14.39
CA THR B 182 -34.95 16.78 -13.54
C THR B 182 -34.16 15.54 -13.91
N VAL B 183 -32.93 15.74 -14.35
CA VAL B 183 -32.01 14.63 -14.58
C VAL B 183 -30.95 14.67 -13.50
N THR B 184 -30.64 13.52 -12.93
CA THR B 184 -29.72 13.48 -11.80
C THR B 184 -28.49 12.63 -12.10
N LEU B 185 -27.33 13.14 -11.73
CA LEU B 185 -26.11 12.35 -11.77
C LEU B 185 -25.86 11.78 -10.37
N SER B 186 -26.02 10.46 -10.23
CA SER B 186 -25.87 9.80 -8.94
C SER B 186 -24.57 9.02 -8.91
N MET B 187 -23.78 9.21 -7.85
CA MET B 187 -22.47 8.56 -7.83
C MET B 187 -22.11 7.85 -6.51
N LEU B 188 -21.36 6.77 -6.66
CA LEU B 188 -20.78 6.01 -5.55
C LEU B 188 -19.27 5.90 -5.71
N LYS B 189 -18.53 6.09 -4.63
CA LYS B 189 -17.09 5.85 -4.65
C LYS B 189 -16.86 4.37 -4.99
N GLY B 190 -16.02 4.12 -5.99
CA GLY B 190 -15.73 2.76 -6.41
C GLY B 190 -14.54 2.19 -5.66
N PRO B 191 -14.28 0.87 -5.83
CA PRO B 191 -13.22 0.19 -5.09
C PRO B 191 -11.83 0.51 -5.63
N GLY B 192 -11.75 0.99 -6.87
CA GLY B 192 -10.47 1.33 -7.47
C GLY B 192 -10.00 2.71 -7.06
N PRO B 193 -8.69 3.00 -7.21
CA PRO B 193 -8.19 4.33 -6.87
C PRO B 193 -8.81 5.39 -7.79
N ASN B 194 -9.30 6.50 -7.23
CA ASN B 194 -9.71 7.65 -8.04
C ASN B 194 -10.89 7.28 -8.97
N GLN B 195 -11.60 6.23 -8.57
CA GLN B 195 -12.67 5.63 -9.37
C GLN B 195 -14.07 5.77 -8.74
N TRP B 196 -15.06 6.14 -9.56
CA TRP B 196 -16.44 6.27 -9.07
C TRP B 196 -17.42 5.54 -9.99
N TYR B 197 -18.49 4.99 -9.41
CA TYR B 197 -19.56 4.38 -10.20
C TYR B 197 -20.70 5.41 -10.36
N ALA B 198 -21.09 5.67 -11.61
CA ALA B 198 -22.04 6.73 -11.90
C ALA B 198 -23.30 6.23 -12.63
N GLU B 199 -24.40 6.93 -12.39
CA GLU B 199 -25.64 6.72 -13.14
C GLU B 199 -26.22 8.09 -13.50
N LEU B 200 -26.73 8.18 -14.73
CA LEU B 200 -27.60 9.29 -15.11
C LEU B 200 -29.02 8.77 -15.09
N ARG B 201 -29.94 9.54 -14.55
CA ARG B 201 -31.32 9.07 -14.42
C ARG B 201 -32.30 10.24 -14.49
N ALA B 202 -33.44 9.99 -15.13
CA ALA B 202 -34.56 10.92 -15.05
C ALA B 202 -35.38 10.54 -13.82
N LYS B 203 -36.39 11.33 -13.52
CA LYS B 203 -37.30 11.01 -12.43
C LYS B 203 -37.99 9.69 -12.75
N PRO B 204 -38.12 8.80 -11.75
CA PRO B 204 -38.86 7.56 -11.99
C PRO B 204 -40.22 7.86 -12.60
N GLY B 205 -40.54 7.22 -13.73
CA GLY B 205 -41.80 7.45 -14.40
C GLY B 205 -41.72 8.42 -15.56
N ASP B 206 -40.64 9.21 -15.64
CA ASP B 206 -40.48 10.18 -16.72
C ASP B 206 -40.01 9.51 -18.01
N LEU B 207 -39.62 8.24 -17.92
CA LEU B 207 -39.26 7.45 -19.09
C LEU B 207 -40.30 6.38 -19.36
N ALA B 208 -40.53 6.09 -20.63
CA ALA B 208 -41.51 5.07 -21.01
C ALA B 208 -40.94 3.66 -20.96
N ASN B 209 -39.62 3.56 -21.10
CA ASN B 209 -38.96 2.27 -21.33
C ASN B 209 -38.54 1.56 -20.06
N ASN B 210 -38.68 2.23 -18.92
CA ASN B 210 -38.43 1.58 -17.64
C ASN B 210 -39.25 2.23 -16.54
N GLY B 211 -39.04 1.79 -15.30
CA GLY B 211 -39.75 2.36 -14.17
C GLY B 211 -38.89 3.26 -13.31
N ASN B 212 -37.59 2.99 -13.23
CA ASN B 212 -36.75 3.71 -12.27
C ASN B 212 -36.05 4.93 -12.86
N GLY B 213 -36.27 5.19 -14.14
CA GLY B 213 -35.78 6.42 -14.76
C GLY B 213 -34.34 6.41 -15.20
N GLN B 214 -33.66 5.29 -15.01
CA GLN B 214 -32.25 5.20 -15.38
C GLN B 214 -32.01 5.45 -16.88
N ILE B 215 -31.06 6.35 -17.16
CA ILE B 215 -30.68 6.71 -18.52
C ILE B 215 -29.41 5.98 -18.95
N SER B 216 -28.39 6.03 -18.11
CA SER B 216 -27.14 5.33 -18.40
C SER B 216 -26.29 5.15 -17.17
N THR B 217 -25.28 4.28 -17.27
CA THR B 217 -24.36 4.02 -16.19
C THR B 217 -22.95 3.96 -16.74
N GLY B 218 -21.97 4.16 -15.87
CA GLY B 218 -20.59 4.14 -16.31
C GLY B 218 -19.64 4.27 -15.14
N ILE B 219 -18.38 3.92 -15.39
CA ILE B 219 -17.32 4.12 -14.40
C ILE B 219 -16.59 5.41 -14.74
N ILE B 220 -16.49 6.30 -13.75
CA ILE B 220 -15.78 7.55 -13.93
C ILE B 220 -14.44 7.47 -13.22
N GLU B 221 -13.39 7.99 -13.87
CA GLU B 221 -12.05 7.97 -13.31
C GLU B 221 -11.46 9.38 -13.23
N PHE B 222 -10.71 9.63 -12.16
CA PHE B 222 -10.01 10.89 -12.03
C PHE B 222 -8.50 10.63 -12.02
N THR B 223 -7.73 11.68 -12.27
CA THR B 223 -6.29 11.59 -12.17
C THR B 223 -5.88 11.76 -10.72
N THR B 224 -4.63 11.44 -10.41
CA THR B 224 -4.13 11.49 -9.04
C THR B 224 -4.10 12.89 -8.47
N ASP B 225 -4.32 13.89 -9.33
CA ASP B 225 -4.42 15.27 -8.84
C ASP B 225 -5.87 15.74 -8.90
N GLY B 226 -6.78 14.79 -9.07
CA GLY B 226 -8.20 15.06 -8.93
C GLY B 226 -8.89 15.66 -10.15
N LYS B 227 -8.26 15.59 -11.31
CA LYS B 227 -8.89 16.06 -12.54
C LYS B 227 -9.64 14.92 -13.20
N LEU B 228 -10.73 15.25 -13.89
CA LEU B 228 -11.47 14.24 -14.63
C LEU B 228 -10.59 13.62 -15.70
N LYS B 229 -10.54 12.29 -15.75
CA LYS B 229 -9.68 11.59 -16.68
C LYS B 229 -10.49 10.95 -17.81
N ASN B 230 -11.54 10.22 -17.43
CA ASN B 230 -12.46 9.67 -18.43
C ASN B 230 -13.81 9.33 -17.80
N THR B 231 -14.83 9.22 -18.65
CA THR B 231 -16.18 8.99 -18.18
C THR B 231 -16.70 7.60 -18.53
N GLY B 232 -15.78 6.69 -18.86
CA GLY B 232 -16.13 5.33 -19.20
C GLY B 232 -17.17 5.27 -20.32
N SER B 233 -18.26 4.55 -20.10
CA SER B 233 -19.34 4.51 -21.07
C SER B 233 -20.59 5.25 -20.60
N LEU B 234 -20.43 6.17 -19.64
CA LEU B 234 -21.57 6.91 -19.10
C LEU B 234 -22.30 7.72 -20.19
N PHE B 235 -21.51 8.23 -21.14
CA PHE B 235 -22.04 8.94 -22.29
C PHE B 235 -21.79 8.16 -23.57
N GLY B 236 -21.68 6.84 -23.45
CA GLY B 236 -21.40 6.00 -24.60
C GLY B 236 -20.05 6.35 -25.20
N THR B 237 -20.02 6.64 -26.50
CA THR B 237 -18.80 7.12 -27.15
C THR B 237 -18.97 8.53 -27.67
N THR B 238 -19.99 9.23 -27.20
CA THR B 238 -20.27 10.57 -27.69
C THR B 238 -19.11 11.53 -27.47
N SER B 239 -18.91 12.42 -28.44
CA SER B 239 -17.93 13.50 -28.36
C SER B 239 -18.52 14.70 -29.09
N PRO B 240 -18.81 15.78 -28.36
CA PRO B 240 -18.65 15.93 -26.91
C PRO B 240 -19.64 15.06 -26.14
N THR B 241 -19.31 14.77 -24.88
CA THR B 241 -20.16 13.94 -24.04
C THR B 241 -21.59 14.46 -24.03
N ALA B 242 -22.53 13.57 -24.32
CA ALA B 242 -23.94 13.95 -24.39
C ALA B 242 -24.83 12.76 -24.14
N ILE B 243 -26.09 13.02 -23.80
CA ILE B 243 -27.12 11.99 -23.78
C ILE B 243 -28.22 12.41 -24.73
N THR B 244 -28.98 11.42 -25.20
CA THR B 244 -30.15 11.69 -26.01
C THR B 244 -31.32 10.94 -25.40
N ILE B 245 -32.37 11.66 -25.04
CA ILE B 245 -33.60 10.99 -24.65
C ILE B 245 -34.58 11.06 -25.81
N LYS B 246 -35.06 9.91 -26.26
CA LYS B 246 -35.89 9.82 -27.45
C LYS B 246 -37.25 10.46 -27.20
N SER B 247 -37.85 10.97 -28.27
CA SER B 247 -39.15 11.61 -28.19
C SER B 247 -40.19 10.69 -27.58
N SER B 248 -41.18 11.27 -26.91
CA SER B 248 -42.37 10.51 -26.51
C SER B 248 -42.90 9.80 -27.75
N GLY B 249 -43.19 8.51 -27.63
CA GLY B 249 -43.74 7.77 -28.74
C GLY B 249 -42.71 7.18 -29.68
N TYR B 250 -41.42 7.34 -29.37
CA TYR B 250 -40.39 6.77 -30.24
C TYR B 250 -40.39 5.25 -30.16
N ILE B 251 -40.41 4.62 -31.33
CA ILE B 251 -40.28 3.17 -31.45
C ILE B 251 -39.07 2.85 -32.30
N ALA B 252 -38.15 2.04 -31.77
CA ALA B 252 -36.97 1.67 -32.53
C ALA B 252 -37.35 0.68 -33.62
N PRO B 253 -36.97 1.00 -34.88
CA PRO B 253 -37.25 0.11 -36.01
C PRO B 253 -36.73 -1.29 -35.75
N THR B 254 -37.44 -2.29 -36.25
CA THR B 254 -36.97 -3.66 -36.17
C THR B 254 -35.65 -3.77 -36.94
N VAL B 255 -34.62 -4.30 -36.30
CA VAL B 255 -33.32 -4.37 -36.95
C VAL B 255 -33.30 -5.43 -38.06
N THR B 256 -32.55 -5.13 -39.12
CA THR B 256 -32.31 -6.08 -40.19
C THR B 256 -31.22 -7.04 -39.73
N PRO B 257 -31.51 -8.36 -39.78
CA PRO B 257 -30.80 -9.55 -39.26
C PRO B 257 -29.26 -9.68 -39.30
N PRO B 258 -28.51 -8.76 -39.94
CA PRO B 258 -27.12 -8.75 -39.44
C PRO B 258 -26.98 -7.91 -38.16
N ALA B 259 -27.73 -6.82 -38.09
CA ALA B 259 -27.75 -5.97 -36.91
C ALA B 259 -28.48 -6.66 -35.75
N VAL B 260 -28.18 -6.23 -34.53
CA VAL B 260 -28.80 -6.77 -33.32
C VAL B 260 -29.62 -5.68 -32.64
N GLN B 261 -30.83 -6.00 -32.20
CA GLN B 261 -31.71 -5.00 -31.58
C GLN B 261 -31.14 -4.52 -30.24
N PRO B 262 -30.82 -3.22 -30.15
CA PRO B 262 -30.25 -2.73 -28.88
C PRO B 262 -31.31 -2.70 -27.80
N PRO B 263 -30.88 -2.75 -26.53
CA PRO B 263 -31.82 -2.52 -25.42
C PRO B 263 -32.56 -1.20 -25.66
N THR B 264 -33.84 -1.15 -25.34
CA THR B 264 -34.65 0.03 -25.64
C THR B 264 -34.01 1.26 -25.03
N PRO B 265 -33.78 2.30 -25.85
CA PRO B 265 -33.12 3.51 -25.36
C PRO B 265 -34.01 4.33 -24.44
N PRO B 266 -33.42 5.21 -23.63
CA PRO B 266 -34.21 6.12 -22.82
C PRO B 266 -35.15 6.94 -23.70
N THR B 267 -36.44 6.84 -23.40
CA THR B 267 -37.52 7.42 -24.18
C THR B 267 -38.45 8.15 -23.23
N TRP B 268 -38.80 9.40 -23.52
CA TRP B 268 -39.72 10.14 -22.66
C TRP B 268 -41.06 9.41 -22.53
N ALA B 269 -41.65 9.51 -21.35
CA ALA B 269 -42.94 8.88 -21.10
C ALA B 269 -44.00 9.39 -22.07
N ASP B 270 -44.94 8.51 -22.40
CA ASP B 270 -46.06 8.85 -23.28
C ASP B 270 -46.76 10.15 -22.91
N ALA B 271 -47.17 10.25 -21.64
CA ALA B 271 -48.01 11.34 -21.17
C ALA B 271 -47.36 12.72 -21.28
N LEU B 272 -46.04 12.77 -21.33
CA LEU B 272 -45.33 14.05 -21.42
C LEU B 272 -45.51 14.67 -22.80
N GLY B 273 -45.49 13.85 -23.84
CA GLY B 273 -45.69 14.31 -25.21
C GLY B 273 -44.63 15.28 -25.69
N ILE B 274 -43.40 15.11 -25.22
CA ILE B 274 -42.33 16.05 -25.56
C ILE B 274 -41.35 15.45 -26.58
N ASP B 275 -40.54 16.31 -27.18
CA ASP B 275 -39.69 15.92 -28.29
C ASP B 275 -38.39 15.26 -27.84
N GLU B 276 -37.69 14.65 -28.79
CA GLU B 276 -36.35 14.14 -28.56
C GLU B 276 -35.50 15.24 -27.97
N GLN B 277 -34.70 14.89 -26.97
CA GLN B 277 -33.85 15.88 -26.33
C GLN B 277 -32.42 15.39 -26.26
N GLU B 278 -31.57 15.96 -27.11
CA GLU B 278 -30.15 15.68 -27.09
C GLU B 278 -29.46 16.80 -26.32
N VAL B 279 -28.72 16.44 -25.28
CA VAL B 279 -28.10 17.41 -24.38
C VAL B 279 -26.62 17.13 -24.17
N GLN B 280 -25.78 18.12 -24.52
CA GLN B 280 -24.37 18.03 -24.19
C GLN B 280 -24.23 18.18 -22.67
N ILE B 281 -23.46 17.28 -22.06
CA ILE B 281 -23.22 17.32 -20.62
C ILE B 281 -21.73 17.46 -20.40
N ASP B 282 -21.33 18.66 -20.01
CA ASP B 282 -19.93 19.03 -19.91
C ASP B 282 -19.43 18.85 -18.47
N LEU B 283 -18.60 17.84 -18.27
CA LEU B 283 -18.03 17.61 -16.95
C LEU B 283 -16.59 18.12 -16.84
N ALA B 284 -16.14 18.86 -17.85
CA ALA B 284 -14.73 19.25 -17.90
C ALA B 284 -14.45 20.64 -18.47
N SER B 285 -15.16 21.65 -17.98
CA SER B 285 -14.89 23.03 -18.39
C SER B 285 -13.62 23.55 -17.73
N ALA B 286 -12.99 24.54 -18.36
CA ALA B 286 -11.77 25.14 -17.82
C ALA B 286 -12.02 25.80 -16.48
N ALA B 287 -13.16 26.47 -16.36
CA ALA B 287 -13.49 27.23 -15.15
C ALA B 287 -13.89 26.33 -14.00
N GLY B 288 -14.54 25.22 -14.30
CA GLY B 288 -15.03 24.32 -13.28
C GLY B 288 -14.87 22.86 -13.66
N GLY B 289 -15.98 22.20 -13.92
CA GLY B 289 -15.97 20.78 -14.23
C GLY B 289 -16.22 19.94 -12.99
N LEU B 290 -16.23 18.63 -13.15
CA LEU B 290 -16.34 17.69 -12.05
C LEU B 290 -14.94 17.41 -11.57
N THR B 291 -14.66 17.64 -10.30
CA THR B 291 -13.35 17.41 -9.76
C THR B 291 -13.40 16.42 -8.56
N GLN B 292 -12.25 15.88 -8.22
CA GLN B 292 -12.15 15.01 -7.06
C GLN B 292 -10.93 15.30 -6.18
N TYR B 293 -11.01 16.42 -5.50
CA TYR B 293 -10.00 16.94 -4.60
C TYR B 293 -10.34 16.49 -3.21
N ASN B 294 -9.41 16.55 -2.27
CA ASN B 294 -9.72 16.15 -0.88
C ASN B 294 -10.36 17.29 -0.12
N SER B 295 -11.60 17.58 -0.46
CA SER B 295 -12.39 18.59 0.20
C SER B 295 -13.86 18.22 0.08
N GLN B 296 -14.73 18.96 0.77
CA GLN B 296 -16.17 18.66 0.82
C GLN B 296 -16.79 18.31 -0.54
N SER B 297 -17.55 17.21 -0.59
CA SER B 297 -18.38 16.93 -1.75
C SER B 297 -19.44 18.02 -1.84
N VAL B 298 -19.44 18.76 -2.94
CA VAL B 298 -20.36 19.89 -3.06
C VAL B 298 -20.58 20.25 -4.52
N VAL B 299 -21.80 20.64 -4.85
CA VAL B 299 -22.09 21.24 -6.14
C VAL B 299 -21.84 22.74 -6.05
N GLN B 300 -20.91 23.23 -6.86
CA GLN B 300 -20.64 24.66 -6.90
C GLN B 300 -21.69 25.36 -7.75
N SER B 301 -21.93 24.84 -8.95
CA SER B 301 -23.00 25.36 -9.80
C SER B 301 -23.29 24.43 -10.96
N VAL B 302 -24.49 24.55 -11.53
CA VAL B 302 -24.80 23.90 -12.79
C VAL B 302 -25.19 24.97 -13.82
N ASN B 303 -24.48 24.99 -14.95
CA ASN B 303 -24.78 25.91 -16.03
C ASN B 303 -25.74 25.28 -17.01
N THR B 304 -26.66 26.07 -17.56
CA THR B 304 -27.50 25.62 -18.67
C THR B 304 -27.59 26.72 -19.73
N ASN B 305 -27.99 26.35 -20.94
CA ASN B 305 -28.15 27.34 -22.00
C ASN B 305 -29.50 28.05 -21.89
#